data_5EOK
#
_entry.id   5EOK
#
_cell.length_a   81.330
_cell.length_b   81.330
_cell.length_c   252.219
_cell.angle_alpha   90.00
_cell.angle_beta   90.00
_cell.angle_gamma   90.00
#
_symmetry.space_group_name_H-M   'P 43 21 2'
#
loop_
_entity.id
_entity.type
_entity.pdbx_description
1 polymer 'Coagulation factor XI'
2 polymer P39
3 branched 2-acetamido-2-deoxy-beta-D-glucopyranose-(1-4)-[alpha-L-fucopyranose-(1-6)]2-acetamido-2-deoxy-beta-D-glucopyranose
4 non-polymer 2-acetamido-2-deoxy-beta-D-glucopyranose
5 water water
#
loop_
_entity_poly.entity_id
_entity_poly.type
_entity_poly.pdbx_seq_one_letter_code
_entity_poly.pdbx_strand_id
1 'polypeptide(L)'
;CVTQLLKDTCFEGGDITTVFTPSAKYCQVVCTYHPRCLLFTFTAESPSEDPTRWFTCVLKDSVTETLPRVNRTAAISGYS
FKQCSHQISACNKDIYVDLDMKGINYNSSVAKSAQECQERCTDDVHCHFFTYATRQFPSLEHRNICLLKHTQTGTPTRIT
KLDKVVSGFSLKSCALSNLACIRDIFPNTVFADSNIDSVMAPDAFVCGRICTHHPGCLFFTFFSQEWPKESQRNLCLLKT
SESGLPSTRIKKSKALSGFSLQSCRHSIPVFCHSSFYHDTDFLGEELDIVAAKSHEACQKLCTNAVRCQFFTYTPAQASC
NEGKGKCYLKLSSNGSPTKILHGRGGISGYTLRLCKMDNECTTKIKPRIVGGTASVRGEWPWQVTLHTTSPTQRHLCGGS
IIGNQWILTAAHCFYGVESPKILRVYSGILNQSEIKEDTSFFGVQEIIIHDQYKMAESGYDIALLKLETTVNYTDSQRPI
CLPSKGDRNVIYTDCWVTGWGYRKLRDKIQNTLQKAKIPLVTNEECQKRYRGHKITHKMICAGYREGGKDACKGDSGGPL
SCKHNEVWHLVGITSWGEGCAQRERPGVYTNVVEYVDWILEKTQAV
;
A
2 'polypeptide(L)' HIYPDFPTD K
#
loop_
_chem_comp.id
_chem_comp.type
_chem_comp.name
_chem_comp.formula
FUC L-saccharide, alpha linking alpha-L-fucopyranose 'C6 H12 O5'
NAG D-saccharide, beta linking 2-acetamido-2-deoxy-beta-D-glucopyranose 'C8 H15 N O6'
#
# COMPACT_ATOMS: atom_id res chain seq x y z
N CYS A 1 8.94 20.72 -5.44
CA CYS A 1 9.94 20.08 -4.57
C CYS A 1 11.14 19.70 -5.42
N VAL A 2 12.33 19.89 -4.86
CA VAL A 2 13.58 19.45 -5.48
C VAL A 2 13.65 17.91 -5.45
N THR A 3 13.05 17.35 -6.49
CA THR A 3 12.85 15.92 -6.66
C THR A 3 14.10 15.10 -6.91
N GLN A 4 14.93 15.52 -7.86
CA GLN A 4 16.18 14.81 -8.14
C GLN A 4 17.27 15.15 -7.13
N LEU A 5 18.45 14.61 -7.36
CA LEU A 5 19.49 14.66 -6.35
C LEU A 5 20.45 15.80 -6.60
N LEU A 6 21.57 15.76 -5.89
CA LEU A 6 22.61 16.76 -5.96
C LEU A 6 23.96 16.13 -5.69
N LYS A 7 24.54 15.53 -6.73
CA LYS A 7 25.99 15.25 -6.76
C LYS A 7 26.47 16.69 -6.75
N ASP A 8 27.51 17.04 -6.00
CA ASP A 8 28.39 16.16 -5.28
C ASP A 8 28.55 17.06 -4.09
N THR A 9 27.38 17.49 -3.60
CA THR A 9 27.26 18.43 -2.49
C THR A 9 26.74 17.75 -1.22
N CYS A 10 26.78 18.52 -0.14
CA CYS A 10 26.58 17.98 1.18
C CYS A 10 25.90 19.05 1.99
N PHE A 11 24.90 18.67 2.76
CA PHE A 11 24.23 19.64 3.60
C PHE A 11 25.00 19.86 4.90
N GLU A 12 24.91 21.05 5.49
CA GLU A 12 25.64 21.26 6.73
C GLU A 12 24.78 21.06 7.99
N GLY A 13 25.03 19.96 8.70
CA GLY A 13 24.42 19.69 10.01
C GLY A 13 22.93 19.41 10.03
N GLY A 14 22.30 19.65 11.18
CA GLY A 14 20.87 19.39 11.34
C GLY A 14 20.50 17.93 11.44
N ASP A 15 21.46 17.08 11.79
CA ASP A 15 21.28 15.63 11.72
C ASP A 15 20.35 15.12 12.77
N ILE A 16 19.48 14.20 12.37
CA ILE A 16 18.63 13.47 13.28
C ILE A 16 19.40 12.22 13.63
N THR A 17 19.84 11.53 12.60
CA THR A 17 20.35 10.19 12.78
C THR A 17 21.14 9.77 11.55
N THR A 18 21.76 8.62 11.66
CA THR A 18 22.61 8.11 10.59
C THR A 18 22.32 6.65 10.34
N VAL A 19 22.04 6.33 9.09
CA VAL A 19 21.65 4.99 8.73
C VAL A 19 22.47 4.57 7.53
N PHE A 20 22.33 3.30 7.15
CA PHE A 20 23.09 2.81 6.01
C PHE A 20 22.24 2.38 4.84
N THR A 21 22.41 3.03 3.70
CA THR A 21 21.69 2.65 2.46
C THR A 21 22.64 2.26 1.34
N PRO A 22 22.24 1.29 0.52
CA PRO A 22 23.06 0.89 -0.62
C PRO A 22 23.12 1.97 -1.66
N SER A 23 22.36 3.05 -1.49
CA SER A 23 22.29 4.14 -2.45
C SER A 23 21.46 5.33 -1.99
N ALA A 24 21.92 6.51 -2.40
CA ALA A 24 21.18 7.76 -2.32
C ALA A 24 19.72 7.60 -2.77
N LYS A 25 19.50 6.91 -3.88
CA LYS A 25 18.14 6.76 -4.30
C LYS A 25 17.32 6.19 -3.13
N TYR A 26 17.84 5.16 -2.46
CA TYR A 26 17.13 4.56 -1.34
C TYR A 26 17.20 5.51 -0.15
N CYS A 27 18.37 6.09 0.09
CA CYS A 27 18.50 7.08 1.20
C CYS A 27 17.32 8.03 1.17
N GLN A 28 16.99 8.54 -0.02
CA GLN A 28 15.89 9.47 -0.20
C GLN A 28 14.50 8.85 0.13
N VAL A 29 14.39 7.54 0.00
CA VAL A 29 13.16 6.90 0.40
C VAL A 29 13.07 6.83 1.93
N VAL A 30 14.18 6.49 2.59
CA VAL A 30 14.22 6.35 4.04
C VAL A 30 13.93 7.72 4.60
N CYS A 31 14.48 8.73 3.95
CA CYS A 31 14.26 10.09 4.40
C CYS A 31 12.80 10.50 4.22
N THR A 32 12.14 9.94 3.22
CA THR A 32 10.78 10.34 2.98
C THR A 32 9.89 9.78 4.09
N TYR A 33 10.04 8.49 4.40
CA TYR A 33 9.21 7.79 5.37
C TYR A 33 9.61 8.07 6.79
N HIS A 34 10.78 8.66 7.00
CA HIS A 34 11.12 9.05 8.37
C HIS A 34 10.22 10.18 8.76
N PRO A 35 9.82 10.25 10.04
CA PRO A 35 8.75 11.23 10.27
C PRO A 35 9.23 12.68 10.41
N ARG A 36 10.52 12.89 10.62
CA ARG A 36 11.10 14.23 10.67
C ARG A 36 12.02 14.60 9.49
N CYS A 37 12.68 13.63 8.86
CA CYS A 37 13.64 13.91 7.79
C CYS A 37 13.08 14.77 6.64
N LEU A 38 13.78 15.83 6.29
CA LEU A 38 13.35 16.72 5.26
C LEU A 38 14.35 16.65 4.15
N LEU A 39 15.61 16.44 4.53
CA LEU A 39 16.70 16.29 3.59
C LEU A 39 17.77 15.41 4.19
N PHE A 40 18.72 15.03 3.36
CA PHE A 40 19.76 14.08 3.72
C PHE A 40 21.01 14.25 2.84
N THR A 41 22.06 13.55 3.22
CA THR A 41 23.32 13.46 2.51
C THR A 41 23.84 12.02 2.60
N PHE A 42 24.01 11.41 1.43
CA PHE A 42 24.56 10.08 1.27
C PHE A 42 26.02 10.12 0.89
N THR A 43 26.77 9.09 1.28
CA THR A 43 28.18 9.00 0.96
C THR A 43 28.41 7.72 0.19
N ALA A 44 28.72 7.87 -1.11
CA ALA A 44 28.99 6.75 -2.00
C ALA A 44 30.38 6.11 -1.80
N GLU A 45 30.51 4.83 -2.19
CA GLU A 45 31.81 4.14 -2.22
C GLU A 45 32.77 4.98 -3.02
N SER A 46 33.91 5.33 -2.42
CA SER A 46 34.86 6.24 -3.03
C SER A 46 36.23 6.26 -2.38
N PRO A 47 37.29 6.38 -3.21
CA PRO A 47 38.67 6.67 -2.79
C PRO A 47 38.77 7.71 -1.67
N SER A 48 37.90 8.73 -1.70
CA SER A 48 37.98 9.88 -0.78
C SER A 48 37.78 9.59 0.71
N GLU A 49 36.98 8.58 1.05
CA GLU A 49 36.79 8.22 2.47
C GLU A 49 37.06 6.74 2.72
N ASP A 50 37.44 6.43 3.96
CA ASP A 50 37.63 5.05 4.36
C ASP A 50 36.38 4.29 4.02
N PRO A 51 36.55 3.01 3.69
CA PRO A 51 35.41 2.09 3.59
C PRO A 51 34.32 2.30 4.67
N THR A 52 34.71 2.58 5.92
CA THR A 52 33.74 2.67 7.05
C THR A 52 32.80 3.86 6.96
N ARG A 53 33.01 4.73 5.97
CA ARG A 53 32.11 5.88 5.72
C ARG A 53 31.19 5.73 4.50
N TRP A 54 31.45 4.70 3.70
CA TRP A 54 30.67 4.44 2.50
C TRP A 54 29.29 4.06 2.91
N PHE A 55 28.29 4.49 2.14
CA PHE A 55 26.92 4.03 2.32
C PHE A 55 26.27 4.69 3.51
N THR A 56 26.90 5.74 4.02
CA THR A 56 26.34 6.46 5.13
C THR A 56 25.28 7.40 4.63
N CYS A 57 24.07 7.17 5.12
CA CYS A 57 22.90 7.97 4.80
C CYS A 57 22.48 8.74 6.04
N VAL A 58 22.73 10.04 6.01
CA VAL A 58 22.45 10.89 7.17
C VAL A 58 21.19 11.69 6.97
N LEU A 59 20.19 11.40 7.79
CA LEU A 59 18.89 12.08 7.68
C LEU A 59 18.95 13.42 8.43
N LYS A 60 18.29 14.48 7.94
CA LYS A 60 18.42 15.81 8.56
C LYS A 60 17.11 16.60 8.61
N ASP A 61 17.06 17.61 9.46
CA ASP A 61 15.90 18.49 9.59
C ASP A 61 16.43 19.90 9.73
N SER A 62 15.65 20.88 9.27
CA SER A 62 15.95 22.31 9.40
C SER A 62 14.69 23.07 9.56
N VAL A 63 14.77 24.13 10.33
CA VAL A 63 13.57 24.87 10.63
C VAL A 63 13.15 25.64 9.44
N THR A 64 14.12 26.09 8.64
CA THR A 64 13.85 26.82 7.42
C THR A 64 13.63 25.84 6.27
N GLU A 65 13.71 24.54 6.56
CA GLU A 65 13.44 23.51 5.58
C GLU A 65 14.55 23.32 4.59
N THR A 66 15.69 23.91 4.86
CA THR A 66 16.83 23.62 3.99
C THR A 66 18.11 23.77 4.76
N LEU A 67 19.22 23.43 4.15
CA LEU A 67 20.48 23.64 4.82
C LEU A 67 21.51 24.27 3.86
N PRO A 68 22.63 24.80 4.42
CA PRO A 68 23.79 25.21 3.65
C PRO A 68 24.43 24.03 2.89
N ARG A 69 24.35 24.11 1.56
CA ARG A 69 25.09 23.23 0.68
C ARG A 69 26.59 23.54 0.78
N VAL A 70 27.40 22.50 0.64
CA VAL A 70 28.83 22.66 0.43
C VAL A 70 29.37 21.52 -0.41
N ASN A 71 30.20 21.89 -1.39
CA ASN A 71 30.88 20.98 -2.30
C ASN A 71 31.71 19.91 -1.54
N ARG A 72 31.52 18.64 -1.87
CA ARG A 72 32.31 17.58 -1.24
C ARG A 72 32.26 16.35 -2.12
N THR A 73 33.37 15.64 -2.17
CA THR A 73 33.54 14.57 -3.13
C THR A 73 32.85 13.26 -2.70
N ALA A 74 32.01 12.74 -3.61
CA ALA A 74 31.24 11.49 -3.49
C ALA A 74 30.12 11.51 -2.45
N ALA A 75 29.76 12.74 -2.03
CA ALA A 75 28.55 13.02 -1.27
C ALA A 75 27.38 13.19 -2.27
N ILE A 76 26.19 12.75 -1.89
CA ILE A 76 24.96 13.06 -2.67
C ILE A 76 23.85 13.57 -1.74
N SER A 77 23.12 14.63 -2.18
CA SER A 77 22.20 15.41 -1.34
C SER A 77 20.92 15.28 -1.78
N GLY A 78 19.95 15.23 -1.19
CA GLY A 78 18.61 15.42 -1.68
C GLY A 78 17.58 15.85 -0.65
N TYR A 79 16.35 16.03 -1.12
CA TYR A 79 15.22 16.37 -0.27
C TYR A 79 14.27 15.17 -0.20
N SER A 80 13.48 15.08 0.86
CA SER A 80 12.47 14.05 0.96
C SER A 80 11.38 14.37 -0.03
N PHE A 81 10.54 13.40 -0.31
CA PHE A 81 9.41 13.59 -1.20
C PHE A 81 8.18 14.10 -0.47
N LYS A 82 8.34 14.56 0.77
CA LYS A 82 7.15 14.94 1.56
C LYS A 82 6.46 16.13 0.92
N GLN A 83 7.30 17.00 0.39
CA GLN A 83 6.90 18.18 -0.32
C GLN A 83 6.15 17.89 -1.67
N CYS A 84 6.28 16.68 -2.20
CA CYS A 84 5.81 16.36 -3.56
C CYS A 84 4.39 15.85 -3.57
N SER A 85 3.78 15.81 -4.74
CA SER A 85 2.33 15.58 -4.87
C SER A 85 1.99 14.19 -5.40
N HIS A 86 2.82 13.70 -6.30
CA HIS A 86 2.64 12.36 -6.85
C HIS A 86 3.01 11.26 -5.88
N GLN A 87 2.51 10.05 -6.15
CA GLN A 87 2.72 8.90 -5.28
C GLN A 87 4.17 8.64 -4.94
N ILE A 88 4.33 7.98 -3.80
CA ILE A 88 5.59 7.83 -3.11
C ILE A 88 5.68 6.34 -2.84
N SER A 89 6.80 5.73 -3.22
CA SER A 89 6.88 4.27 -3.09
C SER A 89 8.04 3.75 -2.22
N ALA A 90 7.74 2.83 -1.32
CA ALA A 90 8.81 2.18 -0.56
C ALA A 90 9.54 1.11 -1.38
N CYS A 91 8.83 0.51 -2.34
CA CYS A 91 9.30 -0.62 -3.15
C CYS A 91 10.68 -0.38 -3.75
N ASN A 92 11.54 -1.38 -3.65
CA ASN A 92 12.88 -1.31 -4.20
C ASN A 92 13.31 -2.69 -4.70
N LYS A 93 13.30 -2.81 -6.02
CA LYS A 93 13.55 -4.07 -6.66
C LYS A 93 15.01 -4.31 -6.91
N ASP A 94 15.82 -3.27 -6.71
CA ASP A 94 17.26 -3.37 -6.86
C ASP A 94 17.87 -4.58 -6.17
N ILE A 95 18.67 -5.30 -6.97
CA ILE A 95 19.71 -6.24 -6.54
C ILE A 95 21.05 -5.51 -6.62
N TYR A 96 21.89 -5.69 -5.61
CA TYR A 96 23.14 -4.95 -5.51
C TYR A 96 24.32 -5.92 -5.52
N VAL A 97 25.08 -5.93 -6.62
CA VAL A 97 26.18 -6.87 -6.80
C VAL A 97 27.34 -6.43 -5.97
N ASP A 98 28.09 -7.42 -5.48
CA ASP A 98 29.29 -7.24 -4.64
C ASP A 98 29.05 -6.39 -3.40
N LEU A 99 27.78 -6.24 -3.03
CA LEU A 99 27.42 -5.52 -1.84
C LEU A 99 26.90 -6.52 -0.84
N ASP A 100 27.40 -6.41 0.37
CA ASP A 100 26.90 -7.24 1.44
C ASP A 100 26.40 -6.36 2.54
N MET A 101 25.13 -6.59 2.87
CA MET A 101 24.42 -5.76 3.84
C MET A 101 24.33 -6.50 5.15
N LYS A 102 24.79 -5.89 6.22
CA LYS A 102 24.84 -6.57 7.50
C LYS A 102 23.57 -6.44 8.31
N GLY A 103 23.24 -7.53 8.98
CA GLY A 103 22.18 -7.56 9.98
C GLY A 103 22.20 -8.89 10.74
N ILE A 104 21.23 -9.05 11.62
CA ILE A 104 21.07 -10.28 12.34
C ILE A 104 20.76 -11.33 11.29
N ASN A 105 21.70 -12.24 11.03
CA ASN A 105 21.47 -13.36 10.11
C ASN A 105 20.72 -14.48 10.79
N TYR A 106 19.50 -14.76 10.37
CA TYR A 106 18.70 -15.72 11.12
C TYR A 106 18.41 -17.02 10.35
N ASN A 107 18.69 -17.07 9.04
CA ASN A 107 18.44 -18.28 8.27
C ASN A 107 19.46 -18.48 7.21
N SER A 108 20.02 -19.68 7.15
CA SER A 108 20.95 -20.01 6.09
C SER A 108 20.34 -21.12 5.29
N SER A 109 20.27 -20.96 3.98
CA SER A 109 19.67 -21.98 3.15
C SER A 109 20.19 -21.89 1.73
N VAL A 110 19.92 -22.93 0.97
CA VAL A 110 20.47 -23.01 -0.36
C VAL A 110 19.40 -22.55 -1.30
N ALA A 111 19.80 -21.82 -2.33
CA ALA A 111 18.85 -21.30 -3.30
C ALA A 111 19.37 -21.29 -4.74
N LYS A 112 18.47 -21.68 -5.67
CA LYS A 112 18.68 -21.63 -7.11
C LYS A 112 19.37 -20.36 -7.54
N SER A 113 18.82 -19.21 -7.15
CA SER A 113 19.26 -17.93 -7.68
C SER A 113 18.97 -16.81 -6.72
N ALA A 114 19.65 -15.68 -6.92
CA ALA A 114 19.35 -14.45 -6.20
C ALA A 114 17.86 -14.17 -6.25
N GLN A 115 17.25 -14.42 -7.41
CA GLN A 115 15.81 -14.26 -7.53
C GLN A 115 15.13 -15.09 -6.48
N GLU A 116 15.34 -16.40 -6.50
CA GLU A 116 14.56 -17.28 -5.64
C GLU A 116 14.84 -17.02 -4.15
N CYS A 117 15.98 -16.35 -3.87
CA CYS A 117 16.35 -15.93 -2.51
C CYS A 117 15.50 -14.72 -2.11
N GLN A 118 15.25 -13.85 -3.11
CA GLN A 118 14.40 -12.69 -2.93
C GLN A 118 13.00 -13.17 -2.59
N GLU A 119 12.49 -14.15 -3.35
CA GLU A 119 11.17 -14.75 -3.12
C GLU A 119 11.05 -15.25 -1.70
N ARG A 120 12.19 -15.63 -1.13
CA ARG A 120 12.22 -16.22 0.20
C ARG A 120 12.26 -15.13 1.26
N CYS A 121 13.05 -14.10 1.01
CA CYS A 121 13.02 -12.95 1.87
C CYS A 121 11.60 -12.37 1.93
N THR A 122 10.95 -12.27 0.78
CA THR A 122 9.67 -11.60 0.69
C THR A 122 8.56 -12.38 1.33
N ASP A 123 8.74 -13.69 1.31
CA ASP A 123 7.74 -14.61 1.79
C ASP A 123 7.94 -14.95 3.28
N ASP A 124 8.98 -14.38 3.88
CA ASP A 124 9.26 -14.61 5.29
C ASP A 124 8.79 -13.52 6.26
N VAL A 125 8.22 -13.91 7.38
CA VAL A 125 7.68 -12.93 8.30
C VAL A 125 8.71 -11.99 8.99
N HIS A 126 10.02 -12.29 8.92
CA HIS A 126 11.04 -11.46 9.57
C HIS A 126 11.97 -10.75 8.63
N CYS A 127 11.91 -11.06 7.34
CA CYS A 127 13.02 -10.72 6.48
C CYS A 127 12.95 -9.31 6.01
N HIS A 128 13.98 -8.52 6.32
CA HIS A 128 14.15 -7.16 5.76
C HIS A 128 14.93 -7.18 4.49
N PHE A 129 16.09 -7.83 4.53
CA PHE A 129 16.97 -7.96 3.38
C PHE A 129 17.71 -9.30 3.37
N PHE A 130 18.38 -9.60 2.24
CA PHE A 130 19.17 -10.81 2.08
C PHE A 130 20.53 -10.54 1.48
N THR A 131 21.43 -11.51 1.66
CA THR A 131 22.69 -11.60 0.90
C THR A 131 22.76 -13.03 0.35
N TYR A 132 23.10 -13.15 -0.93
CA TYR A 132 23.15 -14.45 -1.63
C TYR A 132 24.52 -14.62 -2.26
N ALA A 133 25.23 -15.68 -1.85
CA ALA A 133 26.57 -15.97 -2.39
C ALA A 133 26.42 -16.73 -3.70
N THR A 134 27.04 -16.25 -4.79
CA THR A 134 26.85 -16.91 -6.09
C THR A 134 27.74 -18.14 -6.30
N ARG A 135 27.45 -18.91 -7.34
CA ARG A 135 28.18 -20.14 -7.62
C ARG A 135 29.63 -19.89 -8.04
N GLN A 136 29.99 -18.62 -8.19
CA GLN A 136 31.38 -18.22 -8.44
C GLN A 136 32.05 -17.75 -7.15
N PHE A 137 31.39 -18.07 -6.03
CA PHE A 137 31.85 -17.62 -4.72
C PHE A 137 32.97 -18.53 -4.20
N PRO A 138 34.18 -17.97 -4.06
CA PRO A 138 35.39 -18.70 -3.76
C PRO A 138 35.12 -19.91 -2.85
N SER A 139 34.75 -19.65 -1.59
CA SER A 139 34.43 -20.69 -0.59
C SER A 139 33.36 -21.71 -1.03
N LEU A 140 33.81 -22.93 -1.30
CA LEU A 140 32.95 -23.96 -1.83
C LEU A 140 31.70 -24.26 -1.00
N GLU A 141 31.77 -24.09 0.31
CA GLU A 141 30.60 -24.43 1.15
C GLU A 141 29.62 -23.26 1.28
N HIS A 142 30.01 -22.11 0.74
CA HIS A 142 29.18 -20.89 0.78
C HIS A 142 28.51 -20.53 -0.52
N ARG A 143 28.92 -21.18 -1.60
CA ARG A 143 28.22 -21.02 -2.86
C ARG A 143 26.74 -21.32 -2.66
N ASN A 144 25.89 -20.59 -3.38
CA ASN A 144 24.43 -20.85 -3.42
C ASN A 144 23.65 -20.65 -2.08
N ILE A 145 24.33 -20.09 -1.08
CA ILE A 145 23.72 -19.91 0.23
C ILE A 145 23.02 -18.57 0.28
N CYS A 146 21.72 -18.63 0.58
CA CYS A 146 20.81 -17.51 0.83
C CYS A 146 20.64 -17.15 2.34
N LEU A 147 21.30 -16.05 2.73
CA LEU A 147 21.34 -15.59 4.10
C LEU A 147 20.29 -14.50 4.33
N LEU A 148 19.42 -14.71 5.33
CA LEU A 148 18.28 -13.84 5.58
C LEU A 148 18.53 -12.99 6.81
N LYS A 149 18.17 -11.72 6.74
CA LYS A 149 18.57 -10.81 7.76
C LYS A 149 17.44 -9.89 8.20
N HIS A 150 17.57 -9.34 9.41
CA HIS A 150 16.76 -8.22 9.90
C HIS A 150 17.55 -7.37 10.82
N THR A 151 17.10 -6.14 11.03
CA THR A 151 17.64 -5.25 12.05
C THR A 151 16.48 -4.50 12.69
N GLN A 152 16.77 -3.73 13.74
CA GLN A 152 15.79 -2.83 14.37
C GLN A 152 15.03 -1.94 13.35
N THR A 153 15.79 -1.27 12.47
CA THR A 153 15.28 -0.18 11.60
C THR A 153 14.74 -0.62 10.24
N GLY A 154 14.99 -1.87 9.85
CA GLY A 154 14.78 -2.30 8.48
C GLY A 154 15.92 -2.05 7.50
N THR A 155 16.80 -1.11 7.84
CA THR A 155 18.03 -0.90 7.07
C THR A 155 19.22 -1.57 7.74
N PRO A 156 20.24 -1.96 6.95
CA PRO A 156 21.36 -2.69 7.49
C PRO A 156 22.13 -1.82 8.44
N THR A 157 22.73 -2.49 9.41
CA THR A 157 23.54 -1.83 10.42
C THR A 157 24.89 -1.47 9.83
N ARG A 158 25.32 -2.22 8.83
CA ARG A 158 26.59 -1.97 8.13
C ARG A 158 26.45 -2.38 6.65
N ILE A 159 27.21 -1.71 5.79
CA ILE A 159 27.36 -2.14 4.40
C ILE A 159 28.85 -2.31 4.08
N THR A 160 29.19 -3.43 3.45
CA THR A 160 30.55 -3.68 2.95
C THR A 160 30.54 -4.18 1.51
N LYS A 161 31.62 -3.87 0.80
CA LYS A 161 31.88 -4.37 -0.52
C LYS A 161 32.42 -5.79 -0.33
N LEU A 162 31.90 -6.76 -1.07
CA LEU A 162 32.47 -8.11 -1.02
C LEU A 162 32.22 -8.86 -2.31
N ASP A 163 33.28 -9.12 -3.07
CA ASP A 163 33.18 -9.74 -4.41
C ASP A 163 32.25 -10.96 -4.44
N LYS A 164 31.61 -11.20 -5.57
CA LYS A 164 30.87 -12.46 -5.86
C LYS A 164 29.61 -12.72 -5.00
N VAL A 165 29.03 -11.66 -4.44
CA VAL A 165 27.77 -11.77 -3.68
C VAL A 165 26.76 -10.68 -4.06
N VAL A 166 25.47 -10.95 -3.86
CA VAL A 166 24.41 -9.93 -4.09
C VAL A 166 23.34 -9.84 -2.99
N SER A 167 23.00 -8.60 -2.63
CA SER A 167 22.04 -8.30 -1.58
C SER A 167 20.79 -7.70 -2.20
N GLY A 168 19.74 -7.55 -1.40
CA GLY A 168 18.53 -6.84 -1.81
C GLY A 168 17.45 -6.80 -0.72
N PHE A 169 16.42 -5.96 -0.88
CA PHE A 169 15.40 -5.90 0.16
C PHE A 169 14.23 -6.80 -0.10
N SER A 170 13.34 -6.88 0.87
CA SER A 170 12.12 -7.66 0.78
C SER A 170 11.15 -6.91 -0.13
N LEU A 171 10.58 -7.63 -1.08
CA LEU A 171 9.66 -6.99 -1.97
C LEU A 171 8.25 -6.99 -1.36
N LYS A 172 8.15 -7.19 -0.04
CA LYS A 172 6.85 -7.05 0.65
C LYS A 172 6.17 -5.72 0.32
N SER A 173 6.96 -4.69 0.08
CA SER A 173 6.37 -3.39 -0.12
C SER A 173 5.93 -3.10 -1.58
N CYS A 174 6.40 -3.87 -2.55
CA CYS A 174 5.64 -4.06 -3.80
C CYS A 174 4.70 -5.16 -3.42
N ALA A 175 3.51 -5.23 -3.96
CA ALA A 175 2.60 -6.18 -3.34
C ALA A 175 2.90 -7.63 -3.69
N LEU A 176 4.18 -8.00 -3.65
CA LEU A 176 4.67 -9.34 -4.05
C LEU A 176 4.58 -10.47 -3.04
N SER A 177 4.36 -10.22 -1.75
CA SER A 177 4.45 -11.30 -0.78
C SER A 177 3.32 -12.32 -0.82
N ASN A 178 3.59 -13.53 -0.37
CA ASN A 178 2.60 -14.60 -0.22
C ASN A 178 2.21 -14.87 1.22
N LEU A 179 2.95 -14.25 2.14
CA LEU A 179 2.71 -14.33 3.56
C LEU A 179 1.27 -13.93 3.85
N ALA A 180 0.52 -14.72 4.61
CA ALA A 180 -0.85 -14.29 4.88
C ALA A 180 -0.85 -13.20 5.97
N CYS A 181 -1.69 -12.19 5.77
CA CYS A 181 -1.98 -11.17 6.76
C CYS A 181 -3.01 -11.76 7.72
N ILE A 182 -2.95 -11.37 8.99
CA ILE A 182 -4.01 -11.71 9.93
C ILE A 182 -4.71 -10.41 10.24
N ARG A 183 -5.93 -10.27 9.74
CA ARG A 183 -6.69 -9.02 9.83
C ARG A 183 -7.50 -9.01 11.08
N ASP A 184 -7.63 -10.19 11.67
CA ASP A 184 -8.30 -10.40 12.95
C ASP A 184 -7.66 -9.62 14.09
N ILE A 185 -8.49 -8.82 14.73
CA ILE A 185 -8.12 -8.03 15.87
C ILE A 185 -8.78 -8.66 17.13
N PHE A 186 -7.99 -8.95 18.17
CA PHE A 186 -8.48 -9.63 19.39
C PHE A 186 -8.78 -8.66 20.55
N PRO A 187 -10.07 -8.39 20.86
CA PRO A 187 -10.43 -7.47 21.95
C PRO A 187 -10.18 -8.07 23.33
N ASN A 188 -9.91 -7.21 24.31
CA ASN A 188 -9.65 -7.63 25.67
C ASN A 188 -8.50 -8.62 25.84
N THR A 189 -7.45 -8.46 25.04
CA THR A 189 -6.34 -9.39 24.99
C THR A 189 -5.02 -8.63 24.95
N VAL A 190 -4.10 -9.03 25.79
CA VAL A 190 -2.75 -8.49 25.73
C VAL A 190 -1.82 -9.59 25.32
N PHE A 191 -0.74 -9.19 24.68
CA PHE A 191 0.25 -10.12 24.24
C PHE A 191 1.46 -9.87 25.07
N ALA A 192 2.29 -10.88 25.20
CA ALA A 192 3.54 -10.74 25.89
C ALA A 192 4.61 -11.25 24.97
N ASP A 193 5.69 -10.43 24.83
CA ASP A 193 6.73 -10.77 23.85
C ASP A 193 7.67 -9.64 23.93
N SER A 194 8.81 -9.76 23.25
CA SER A 194 9.73 -8.64 23.18
C SER A 194 9.01 -7.35 22.68
N ASN A 195 8.96 -6.34 23.56
CA ASN A 195 8.48 -5.02 23.20
C ASN A 195 9.59 -4.30 22.47
N ILE A 196 9.42 -4.05 21.18
CA ILE A 196 10.51 -3.41 20.44
C ILE A 196 10.36 -1.92 20.26
N ASP A 197 9.20 -1.39 20.62
CA ASP A 197 9.01 0.06 20.57
C ASP A 197 7.62 0.39 21.06
N SER A 198 7.30 1.68 21.15
CA SER A 198 6.01 2.05 21.69
C SER A 198 5.59 3.46 21.32
N VAL A 199 4.31 3.72 21.14
CA VAL A 199 3.89 5.07 20.81
C VAL A 199 2.58 5.31 21.51
N MET A 200 2.13 6.56 21.51
CA MET A 200 0.78 6.89 21.94
C MET A 200 -0.10 6.97 20.70
N ALA A 201 -1.29 6.40 20.77
CA ALA A 201 -2.22 6.30 19.63
C ALA A 201 -3.58 6.53 20.15
N PRO A 202 -4.39 7.26 19.39
CA PRO A 202 -5.73 7.62 19.84
C PRO A 202 -6.66 6.44 19.84
N ASP A 203 -6.43 5.47 18.97
CA ASP A 203 -7.19 4.22 19.00
C ASP A 203 -6.40 3.02 18.46
N ALA A 204 -6.98 1.84 18.58
CA ALA A 204 -6.30 0.63 18.14
C ALA A 204 -6.16 0.49 16.60
N PHE A 205 -6.82 1.35 15.84
CA PHE A 205 -6.61 1.30 14.40
C PHE A 205 -5.35 2.04 14.04
N VAL A 206 -5.10 3.16 14.73
CA VAL A 206 -3.92 3.92 14.42
C VAL A 206 -2.76 3.08 14.89
N CYS A 207 -3.03 2.33 15.96
CA CYS A 207 -2.01 1.55 16.62
C CYS A 207 -1.55 0.51 15.64
N GLY A 208 -2.51 -0.28 15.13
CA GLY A 208 -2.26 -1.28 14.07
C GLY A 208 -1.63 -0.76 12.77
N ARG A 209 -2.05 0.43 12.32
CA ARG A 209 -1.43 0.98 11.11
C ARG A 209 0.06 1.27 11.37
N ILE A 210 0.37 1.85 12.52
CA ILE A 210 1.75 2.10 12.90
C ILE A 210 2.53 0.81 13.03
N CYS A 211 1.91 -0.21 13.61
CA CYS A 211 2.60 -1.48 13.75
C CYS A 211 3.01 -1.94 12.37
N THR A 212 2.08 -1.82 11.43
CA THR A 212 2.29 -2.27 10.06
C THR A 212 3.50 -1.62 9.35
N HIS A 213 3.73 -0.33 9.58
CA HIS A 213 4.85 0.25 8.88
C HIS A 213 6.05 0.36 9.71
N HIS A 214 6.06 -0.29 10.87
CA HIS A 214 7.27 -0.31 11.67
C HIS A 214 8.04 -1.53 11.30
N PRO A 215 9.25 -1.36 10.78
CA PRO A 215 9.96 -2.50 10.21
C PRO A 215 9.97 -3.74 11.11
N GLY A 216 10.21 -3.54 12.41
CA GLY A 216 10.28 -4.68 13.30
C GLY A 216 9.05 -5.02 14.13
N CYS A 217 7.84 -4.76 13.64
CA CYS A 217 6.64 -5.01 14.42
C CYS A 217 5.88 -6.13 13.80
N LEU A 218 5.68 -7.21 14.54
CA LEU A 218 4.92 -8.34 14.00
C LEU A 218 3.52 -8.39 14.52
N PHE A 219 3.36 -8.01 15.78
CA PHE A 219 2.03 -7.81 16.35
C PHE A 219 2.12 -6.72 17.40
N PHE A 220 0.99 -6.41 18.02
CA PHE A 220 0.89 -5.26 18.88
C PHE A 220 -0.21 -5.39 19.94
N THR A 221 -0.05 -4.62 21.01
CA THR A 221 -1.07 -4.55 22.03
C THR A 221 -1.35 -3.12 22.31
N PHE A 222 -2.63 -2.80 22.40
CA PHE A 222 -3.03 -1.43 22.64
C PHE A 222 -3.86 -1.33 23.92
N PHE A 223 -3.51 -0.34 24.76
CA PHE A 223 -4.23 -0.07 26.00
C PHE A 223 -5.07 1.19 25.89
N SER A 224 -6.39 1.00 25.91
CA SER A 224 -7.37 2.02 25.56
C SER A 224 -7.39 3.10 26.58
N GLN A 225 -8.15 4.16 26.31
CA GLN A 225 -8.19 5.23 27.28
C GLN A 225 -8.85 4.79 28.59
N GLU A 226 -9.64 3.72 28.54
CA GLU A 226 -10.35 3.18 29.72
C GLU A 226 -9.55 2.19 30.55
N TRP A 227 -8.27 2.08 30.23
CA TRP A 227 -7.38 1.17 30.96
C TRP A 227 -7.26 1.70 32.36
N PRO A 228 -7.24 0.81 33.36
CA PRO A 228 -7.04 1.16 34.77
C PRO A 228 -5.84 2.08 35.08
N LYS A 229 -4.61 1.64 34.81
CA LYS A 229 -3.40 2.43 35.06
C LYS A 229 -3.35 3.74 34.26
N GLU A 230 -3.19 4.85 34.97
CA GLU A 230 -3.19 6.15 34.33
C GLU A 230 -2.03 6.20 33.36
N SER A 231 -0.86 5.77 33.80
CA SER A 231 0.34 5.95 33.03
C SER A 231 0.32 5.27 31.66
N GLN A 232 -0.53 4.26 31.44
CA GLN A 232 -0.49 3.54 30.15
C GLN A 232 -1.69 3.68 29.20
N ARG A 233 -2.54 4.69 29.39
CA ARG A 233 -3.66 4.86 28.48
C ARG A 233 -3.16 5.38 27.15
N ASN A 234 -3.79 4.85 26.09
CA ASN A 234 -3.43 5.11 24.72
C ASN A 234 -2.01 4.70 24.40
N LEU A 235 -1.40 3.95 25.29
CA LEU A 235 -0.11 3.40 24.96
C LEU A 235 -0.33 2.26 23.98
N CYS A 236 0.38 2.35 22.85
CA CYS A 236 0.37 1.37 21.77
C CYS A 236 1.71 0.65 21.78
N LEU A 237 1.67 -0.67 21.97
CA LEU A 237 2.89 -1.43 22.20
C LEU A 237 3.31 -2.34 21.02
N LEU A 238 4.51 -2.10 20.51
CA LEU A 238 4.99 -2.78 19.31
C LEU A 238 5.90 -3.96 19.62
N LYS A 239 5.36 -5.15 19.37
CA LYS A 239 5.95 -6.39 19.84
C LYS A 239 6.52 -7.25 18.72
N THR A 240 7.37 -8.21 19.12
CA THR A 240 7.91 -9.24 18.24
C THR A 240 8.33 -10.50 19.00
N SER A 241 8.34 -11.63 18.29
CA SER A 241 8.74 -12.95 18.81
C SER A 241 9.46 -13.69 17.71
N GLU A 242 10.19 -14.75 18.08
CA GLU A 242 11.02 -15.47 17.11
C GLU A 242 10.17 -16.45 16.35
N SER A 243 9.42 -17.26 17.08
CA SER A 243 8.25 -17.88 16.50
C SER A 243 7.66 -16.92 15.46
N GLY A 244 7.57 -15.63 15.81
CA GLY A 244 6.89 -14.65 14.97
C GLY A 244 5.42 -14.47 15.31
N LEU A 245 4.78 -15.49 15.89
CA LEU A 245 3.42 -15.38 16.45
C LEU A 245 3.57 -15.00 17.92
N PRO A 246 2.49 -14.46 18.54
CA PRO A 246 2.63 -14.15 19.95
C PRO A 246 2.59 -15.43 20.73
N SER A 247 3.55 -15.63 21.64
CA SER A 247 3.59 -16.86 22.41
C SER A 247 2.28 -17.09 23.17
N THR A 248 1.73 -16.02 23.75
CA THR A 248 0.53 -16.17 24.59
C THR A 248 -0.56 -15.08 24.45
N ARG A 249 -1.80 -15.52 24.59
CA ARG A 249 -2.97 -14.64 24.63
C ARG A 249 -3.56 -14.52 26.04
N ILE A 250 -3.20 -13.47 26.77
CA ILE A 250 -3.71 -13.23 28.10
C ILE A 250 -5.02 -12.44 28.05
N LYS A 251 -6.08 -12.90 28.70
CA LYS A 251 -7.31 -12.08 28.79
C LYS A 251 -7.16 -10.78 29.64
N LYS A 252 -8.15 -9.71 29.38
CA LYS A 252 -8.06 -8.34 29.93
C LYS A 252 -8.76 -7.61 29.21
N SER A 253 -8.89 -6.77 29.83
CA SER A 253 -10.00 -5.84 29.71
C SER A 253 -9.50 -4.41 29.35
N LYS A 254 -10.10 -3.86 28.30
CA LYS A 254 -9.68 -2.55 27.78
C LYS A 254 -8.27 -2.49 27.12
N ALA A 255 -7.71 -3.64 26.82
CA ALA A 255 -6.63 -3.76 25.82
C ALA A 255 -7.21 -4.35 24.52
N LEU A 256 -6.47 -4.21 23.42
CA LEU A 256 -6.80 -4.84 22.13
C LEU A 256 -5.51 -5.22 21.48
N SER A 257 -5.57 -6.34 20.76
CA SER A 257 -4.35 -6.86 20.19
C SER A 257 -4.54 -7.35 18.79
N GLY A 258 -3.46 -7.20 17.99
CA GLY A 258 -3.45 -7.66 16.59
C GLY A 258 -2.08 -7.75 15.94
N PHE A 259 -2.06 -7.88 14.62
CA PHE A 259 -0.84 -8.17 13.85
C PHE A 259 -0.47 -7.08 12.88
N SER A 260 0.81 -7.05 12.50
CA SER A 260 1.29 -6.24 11.35
C SER A 260 0.53 -6.68 10.12
N LEU A 261 0.19 -5.73 9.25
CA LEU A 261 -0.40 -6.08 7.96
C LEU A 261 0.56 -5.82 6.77
N GLN A 262 1.86 -5.73 7.06
CA GLN A 262 2.87 -5.29 6.11
C GLN A 262 2.76 -6.08 4.80
N SER A 263 2.26 -7.29 4.92
CA SER A 263 2.05 -8.11 3.77
C SER A 263 0.96 -7.52 2.88
N CYS A 264 -0.15 -7.07 3.46
CA CYS A 264 -1.26 -6.50 2.68
C CYS A 264 -1.20 -4.99 2.45
N ARG A 265 0.00 -4.43 2.38
CA ARG A 265 0.26 -2.98 2.46
C ARG A 265 -0.50 -2.06 1.51
N HIS A 266 -0.46 -2.35 0.23
CA HIS A 266 -1.39 -1.70 -0.70
C HIS A 266 -2.72 -2.14 -0.30
N SER A 267 -3.78 -1.61 -0.88
CA SER A 267 -5.12 -2.13 -0.49
C SER A 267 -5.55 -1.90 0.98
N ILE A 268 -4.65 -1.36 1.82
CA ILE A 268 -5.03 -0.90 3.16
C ILE A 268 -4.41 0.45 3.41
N PRO A 269 -5.17 1.39 4.00
CA PRO A 269 -4.59 2.63 4.46
C PRO A 269 -3.58 2.30 5.51
N VAL A 270 -2.47 3.04 5.51
CA VAL A 270 -1.40 2.74 6.45
C VAL A 270 -0.90 4.03 6.99
N PHE A 271 -0.32 4.84 6.11
CA PHE A 271 0.25 6.10 6.51
C PHE A 271 -0.77 7.20 6.60
N CYS A 272 -2.06 6.88 6.58
CA CYS A 272 -3.03 7.95 6.42
C CYS A 272 -4.13 7.88 7.45
N HIS A 273 -4.18 8.86 8.35
CA HIS A 273 -5.23 8.89 9.37
C HIS A 273 -6.04 10.12 9.19
N SER A 274 -7.24 9.96 8.64
CA SER A 274 -8.08 11.11 8.29
C SER A 274 -9.23 11.38 9.26
N SER A 275 -9.41 10.49 10.24
CA SER A 275 -10.29 10.76 11.37
C SER A 275 -9.87 11.94 12.23
N PHE A 276 -10.89 12.53 12.85
CA PHE A 276 -10.74 13.54 13.85
C PHE A 276 -11.05 12.99 15.19
N TYR A 277 -10.36 13.50 16.20
CA TYR A 277 -10.47 12.95 17.53
C TYR A 277 -10.98 14.05 18.42
N HIS A 278 -12.21 13.87 18.85
CA HIS A 278 -12.99 14.90 19.49
C HIS A 278 -12.78 14.93 20.95
N ASP A 279 -12.77 16.14 21.51
CA ASP A 279 -12.39 16.32 22.89
C ASP A 279 -11.11 15.53 23.22
N THR A 280 -10.08 15.75 22.40
CA THR A 280 -8.79 15.08 22.53
C THR A 280 -7.68 16.06 22.22
N ASP A 281 -6.62 16.04 23.00
CA ASP A 281 -5.49 16.91 22.73
C ASP A 281 -4.20 16.12 22.61
N PHE A 282 -3.53 16.30 21.49
CA PHE A 282 -2.32 15.60 21.17
C PHE A 282 -1.16 16.46 21.63
N LEU A 283 -0.39 15.95 22.59
CA LEU A 283 0.81 16.69 22.99
C LEU A 283 2.03 16.46 22.07
N GLY A 284 2.73 17.56 21.78
CA GLY A 284 4.00 17.52 21.04
C GLY A 284 4.67 18.87 21.09
N GLU A 285 5.69 19.10 20.27
CA GLU A 285 6.23 20.47 20.16
C GLU A 285 5.46 21.34 19.18
N GLU A 286 5.32 22.60 19.56
CA GLU A 286 4.48 23.53 18.87
C GLU A 286 5.30 24.14 17.76
N LEU A 287 4.69 24.23 16.59
CA LEU A 287 5.37 24.72 15.42
C LEU A 287 4.72 26.01 15.02
N ASP A 288 3.43 26.14 15.31
CA ASP A 288 2.70 27.37 15.09
C ASP A 288 1.34 27.30 15.77
N ILE A 289 0.77 28.47 15.99
CA ILE A 289 -0.60 28.58 16.44
C ILE A 289 -1.29 29.60 15.54
N VAL A 290 -2.31 29.14 14.83
CA VAL A 290 -2.99 30.04 13.89
C VAL A 290 -4.50 30.02 14.11
N ALA A 291 -5.16 31.10 13.68
CA ALA A 291 -6.62 31.21 13.70
C ALA A 291 -7.25 30.39 12.59
N ALA A 292 -8.41 29.83 12.85
CA ALA A 292 -9.05 29.03 11.84
C ALA A 292 -10.51 28.73 12.21
N LYS A 293 -11.38 28.57 11.21
CA LYS A 293 -12.83 28.35 11.44
C LYS A 293 -13.22 27.08 11.76
N SER A 294 -12.58 26.16 11.58
CA SER A 294 -12.79 24.72 11.83
C SER A 294 -11.52 23.83 11.91
N HIS A 295 -11.70 22.63 12.52
CA HIS A 295 -10.73 21.53 12.40
C HIS A 295 -10.34 21.21 10.98
N GLU A 296 -11.32 20.94 10.11
CA GLU A 296 -11.01 20.72 8.69
C GLU A 296 -10.00 21.74 8.23
N ALA A 297 -10.18 23.00 8.59
CA ALA A 297 -9.23 24.04 8.14
C ALA A 297 -7.86 23.87 8.80
N CYS A 298 -7.87 23.61 10.10
CA CYS A 298 -6.67 23.25 10.84
C CYS A 298 -5.92 22.16 10.10
N GLN A 299 -6.59 21.02 9.85
CA GLN A 299 -5.93 19.86 9.21
C GLN A 299 -5.25 20.26 7.91
N LYS A 300 -5.82 21.27 7.26
CA LYS A 300 -5.35 21.66 5.93
C LYS A 300 -4.10 22.48 6.13
N LEU A 301 -4.13 23.32 7.16
CA LEU A 301 -2.98 24.15 7.46
C LEU A 301 -1.84 23.27 7.90
N CYS A 302 -2.11 22.25 8.72
CA CYS A 302 -1.12 21.24 9.11
C CYS A 302 -0.54 20.53 7.89
N THR A 303 -1.42 19.83 7.16
CA THR A 303 -1.07 19.24 5.87
C THR A 303 -0.19 20.11 4.98
N ASN A 304 -0.43 21.44 4.93
CA ASN A 304 0.39 22.29 4.05
C ASN A 304 1.65 22.78 4.69
N ALA A 305 1.87 22.44 5.96
CA ALA A 305 3.14 22.78 6.62
C ALA A 305 4.00 21.52 6.71
N VAL A 306 5.11 21.50 5.94
CA VAL A 306 5.77 20.22 5.82
C VAL A 306 6.41 19.64 7.12
N ARG A 307 6.69 20.49 8.12
CA ARG A 307 7.22 19.95 9.38
C ARG A 307 6.13 19.37 10.29
N CYS A 308 4.87 19.80 10.05
CA CYS A 308 3.72 19.37 10.84
C CYS A 308 3.41 17.87 10.75
N GLN A 309 3.21 17.23 11.88
CA GLN A 309 2.81 15.81 11.88
C GLN A 309 1.40 15.60 12.45
N PHE A 310 0.99 16.45 13.40
CA PHE A 310 -0.38 16.39 13.90
C PHE A 310 -0.76 17.76 14.44
N PHE A 311 -2.03 17.93 14.76
CA PHE A 311 -2.49 19.22 15.21
C PHE A 311 -3.55 19.04 16.24
N THR A 312 -3.86 20.15 16.92
CA THR A 312 -5.04 20.20 17.76
C THR A 312 -5.71 21.50 17.49
N TYR A 313 -7.02 21.44 17.26
CA TYR A 313 -7.82 22.65 17.08
C TYR A 313 -8.68 22.83 18.31
N THR A 314 -8.59 24.00 18.94
CA THR A 314 -9.50 24.29 20.04
C THR A 314 -10.44 25.32 19.48
N PRO A 315 -11.73 24.97 19.40
CA PRO A 315 -12.70 25.79 18.72
C PRO A 315 -13.20 26.93 19.60
N ALA A 316 -14.16 27.70 19.11
CA ALA A 316 -14.82 28.74 19.92
C ALA A 316 -15.63 28.14 21.15
N GLN A 317 -15.38 27.65 22.05
CA GLN A 317 -15.87 26.65 22.99
C GLN A 317 -17.36 26.76 23.23
N ALA A 318 -18.01 25.62 23.42
CA ALA A 318 -19.46 25.56 23.43
C ALA A 318 -19.92 26.02 22.05
N SER A 319 -20.85 26.96 22.02
CA SER A 319 -21.34 27.50 20.73
C SER A 319 -21.17 29.03 20.69
N CYS A 320 -20.57 29.56 21.76
CA CYS A 320 -20.58 31.00 22.04
C CYS A 320 -19.60 31.88 21.27
N ASN A 321 -18.78 31.90 21.28
CA ASN A 321 -17.54 32.76 20.96
C ASN A 321 -17.38 32.78 19.37
N GLU A 322 -16.65 33.79 18.80
CA GLU A 322 -16.43 33.93 17.31
C GLU A 322 -16.20 32.95 16.87
N GLY A 323 -16.70 32.56 15.70
CA GLY A 323 -16.36 31.27 15.16
C GLY A 323 -14.99 31.32 14.56
N LYS A 324 -14.09 31.74 15.73
CA LYS A 324 -12.73 31.44 15.22
C LYS A 324 -11.81 30.78 16.27
N GLY A 325 -11.32 29.60 15.96
CA GLY A 325 -10.54 28.84 16.94
C GLY A 325 -9.04 29.00 16.76
N LYS A 326 -8.30 28.22 17.53
CA LYS A 326 -6.84 28.22 17.48
C LYS A 326 -6.38 26.89 16.93
N CYS A 327 -5.48 26.98 15.98
CA CYS A 327 -4.97 25.80 15.33
C CYS A 327 -3.53 25.65 15.80
N TYR A 328 -3.28 24.60 16.59
CA TYR A 328 -1.94 24.30 17.04
C TYR A 328 -1.33 23.23 16.15
N LEU A 329 -0.41 23.67 15.33
CA LEU A 329 0.39 22.79 14.51
C LEU A 329 1.54 22.25 15.35
N LYS A 330 1.54 20.94 15.54
CA LYS A 330 2.54 20.32 16.38
C LYS A 330 3.30 19.26 15.63
N LEU A 331 4.28 18.67 16.32
CA LEU A 331 5.30 17.78 15.74
C LEU A 331 5.92 16.99 16.90
N SER A 332 6.50 15.82 16.62
CA SER A 332 7.32 15.09 17.65
C SER A 332 8.53 14.37 17.01
N SER A 333 9.35 13.71 17.81
CA SER A 333 10.44 13.01 17.18
C SER A 333 9.96 11.74 16.45
N ASN A 334 8.71 11.35 16.59
CA ASN A 334 8.31 10.17 15.90
C ASN A 334 6.96 10.17 15.22
N GLY A 335 6.40 11.36 15.03
CA GLY A 335 5.17 11.47 14.29
C GLY A 335 4.03 11.08 15.17
N SER A 336 4.23 11.03 16.48
CA SER A 336 3.07 10.77 17.34
C SER A 336 3.08 11.70 18.50
N PRO A 337 1.89 11.97 19.04
CA PRO A 337 1.74 12.60 20.33
C PRO A 337 2.68 11.96 21.31
N THR A 338 3.35 12.79 22.09
CA THR A 338 4.02 12.35 23.30
C THR A 338 2.99 11.97 24.34
N LYS A 339 1.82 12.57 24.32
CA LYS A 339 0.75 12.21 25.26
C LYS A 339 -0.62 12.53 24.65
N ILE A 340 -1.63 11.78 25.05
CA ILE A 340 -2.94 12.05 24.53
C ILE A 340 -3.91 12.32 25.67
N LEU A 341 -4.18 13.59 25.89
CA LEU A 341 -5.12 14.05 26.92
C LEU A 341 -6.57 14.13 26.47
N HIS A 342 -7.40 13.32 27.08
CA HIS A 342 -8.85 13.46 26.94
C HIS A 342 -9.48 14.53 27.83
N GLY A 343 -10.53 15.15 27.33
CA GLY A 343 -11.38 15.97 28.18
C GLY A 343 -10.95 17.41 28.33
N ARG A 344 -10.18 17.91 27.37
CA ARG A 344 -9.71 19.30 27.44
C ARG A 344 -10.28 20.18 26.33
N GLY A 345 -11.20 19.62 25.55
CA GLY A 345 -11.96 20.38 24.59
C GLY A 345 -11.41 20.44 23.20
N GLY A 346 -10.13 20.08 23.03
CA GLY A 346 -9.52 20.14 21.69
C GLY A 346 -10.02 19.07 20.72
N ILE A 347 -9.95 19.38 19.43
CA ILE A 347 -10.20 18.41 18.39
C ILE A 347 -8.88 18.14 17.69
N SER A 348 -8.50 16.86 17.62
CA SER A 348 -7.19 16.51 17.08
C SER A 348 -7.20 15.56 15.88
N GLY A 349 -6.27 15.79 14.95
CA GLY A 349 -5.87 14.74 14.02
C GLY A 349 -4.43 14.82 13.54
N TYR A 350 -4.14 14.13 12.44
CA TYR A 350 -2.81 14.08 11.80
C TYR A 350 -2.69 14.84 10.46
N THR A 351 -1.47 14.98 9.95
CA THR A 351 -1.22 15.61 8.66
C THR A 351 -1.69 14.66 7.55
N LEU A 352 -1.99 15.24 6.39
CA LEU A 352 -2.30 14.42 5.24
C LEU A 352 -1.14 14.37 4.23
N ARG A 353 -0.14 15.25 4.40
CA ARG A 353 1.17 15.09 3.77
C ARG A 353 1.53 13.62 3.72
N LEU A 354 1.01 12.86 4.68
CA LEU A 354 1.31 11.43 4.79
C LEU A 354 0.63 10.70 3.65
N CYS A 355 -0.60 11.11 3.40
CA CYS A 355 -1.56 10.34 2.65
C CYS A 355 -1.17 9.90 1.22
N LYS A 356 -0.13 10.46 0.63
CA LYS A 356 0.25 10.05 -0.73
C LYS A 356 1.29 8.94 -0.79
N MET A 357 1.58 8.41 0.39
CA MET A 357 2.43 7.25 0.59
C MET A 357 1.52 6.01 0.57
N ASP A 358 0.21 6.24 0.54
CA ASP A 358 -0.79 5.19 0.61
C ASP A 358 -1.25 4.90 -0.80
N ASN A 359 -1.85 3.75 -1.04
CA ASN A 359 -2.28 3.49 -2.40
C ASN A 359 -3.54 4.25 -2.74
N GLU A 360 -3.59 4.92 -3.90
CA GLU A 360 -4.71 5.83 -4.23
C GLU A 360 -6.09 5.17 -4.09
N CYS A 361 -6.09 3.86 -4.23
CA CYS A 361 -7.32 3.11 -4.22
C CYS A 361 -7.76 2.80 -2.78
N THR A 362 -7.13 3.44 -1.80
CA THR A 362 -7.54 3.29 -0.39
C THR A 362 -8.27 4.45 0.22
N THR A 363 -8.38 5.58 -0.46
CA THR A 363 -9.30 6.65 -0.04
C THR A 363 -10.71 6.10 0.20
N LYS A 364 -11.45 6.72 1.11
CA LYS A 364 -12.88 6.43 1.27
C LYS A 364 -13.63 6.93 0.03
N ILE A 365 -14.91 6.54 -0.12
CA ILE A 365 -15.75 7.02 -1.25
C ILE A 365 -17.13 7.56 -0.73
N LYS A 366 -17.63 8.51 -0.73
CA LYS A 366 -18.77 9.08 0.04
C LYS A 366 -20.15 8.42 -0.22
N PRO A 367 -20.66 7.63 0.78
CA PRO A 367 -21.77 6.67 0.62
C PRO A 367 -23.18 7.28 0.65
N ARG A 368 -24.16 6.37 0.61
CA ARG A 368 -25.58 6.56 0.89
C ARG A 368 -26.27 5.19 1.07
N ILE A 369 -27.47 5.17 1.66
CA ILE A 369 -28.35 4.01 1.66
C ILE A 369 -29.65 4.36 0.94
N VAL A 370 -30.39 3.33 0.50
CA VAL A 370 -29.98 1.96 0.71
C VAL A 370 -29.79 1.23 -0.62
N GLY A 371 -30.76 1.37 -1.51
CA GLY A 371 -30.68 0.69 -2.83
C GLY A 371 -30.37 1.65 -3.98
N GLY A 372 -30.46 1.18 -5.21
CA GLY A 372 -30.94 -0.15 -5.51
C GLY A 372 -32.16 -0.09 -6.39
N THR A 373 -31.95 -0.05 -7.57
CA THR A 373 -30.81 -0.38 -8.44
C THR A 373 -30.24 0.85 -9.18
N ALA A 374 -30.86 2.01 -8.95
CA ALA A 374 -30.38 3.25 -9.58
C ALA A 374 -29.01 3.70 -8.99
N SER A 375 -27.93 3.58 -9.78
CA SER A 375 -26.60 4.13 -9.37
C SER A 375 -26.51 5.61 -9.71
N VAL A 376 -25.46 6.30 -9.24
CA VAL A 376 -25.27 7.71 -9.62
C VAL A 376 -23.81 8.04 -9.70
N ARG A 377 -23.52 9.18 -10.29
CA ARG A 377 -22.14 9.58 -10.50
C ARG A 377 -21.42 9.72 -9.16
N GLY A 378 -20.18 9.22 -9.13
CA GLY A 378 -19.39 9.11 -7.91
C GLY A 378 -19.34 7.70 -7.34
N GLU A 379 -20.39 6.90 -7.63
CA GLU A 379 -20.67 5.62 -6.91
C GLU A 379 -19.71 4.48 -7.20
N TRP A 380 -19.54 4.17 -8.48
CA TRP A 380 -18.65 3.10 -8.87
C TRP A 380 -17.59 3.61 -9.75
N PRO A 381 -16.74 4.51 -9.23
CA PRO A 381 -15.77 5.29 -10.05
C PRO A 381 -14.61 4.52 -10.70
N TRP A 382 -14.57 3.19 -10.58
CA TRP A 382 -13.51 2.42 -11.28
C TRP A 382 -14.02 1.77 -12.52
N GLN A 383 -15.34 1.54 -12.55
CA GLN A 383 -16.10 1.06 -13.68
C GLN A 383 -15.83 1.90 -14.89
N VAL A 384 -15.39 1.27 -15.96
CA VAL A 384 -15.36 1.93 -17.26
C VAL A 384 -16.29 1.17 -18.21
N THR A 385 -16.78 1.90 -19.22
CA THR A 385 -17.56 1.33 -20.32
C THR A 385 -16.61 1.31 -21.50
N LEU A 386 -16.44 0.14 -22.09
CA LEU A 386 -15.41 -0.05 -23.08
C LEU A 386 -16.10 -0.19 -24.43
N HIS A 387 -15.90 0.79 -25.31
CA HIS A 387 -16.62 0.90 -26.59
C HIS A 387 -15.90 0.39 -27.79
N THR A 388 -16.68 -0.14 -28.73
CA THR A 388 -16.09 -0.53 -30.05
C THR A 388 -16.58 0.39 -31.16
N THR A 389 -15.71 0.73 -32.10
CA THR A 389 -16.18 1.68 -33.14
C THR A 389 -16.83 0.99 -34.33
N SER A 390 -16.74 -0.34 -34.40
CA SER A 390 -17.24 -1.08 -35.56
C SER A 390 -17.97 -2.34 -35.16
N PRO A 391 -19.10 -2.64 -35.82
CA PRO A 391 -19.65 -2.00 -37.02
C PRO A 391 -19.92 -0.52 -36.82
N THR A 392 -20.67 -0.21 -35.76
CA THR A 392 -20.89 1.17 -35.31
C THR A 392 -20.58 1.24 -33.83
N GLN A 393 -20.00 2.36 -33.39
CA GLN A 393 -19.61 2.57 -31.99
C GLN A 393 -20.68 2.12 -31.01
N ARG A 394 -20.33 1.16 -30.16
CA ARG A 394 -21.26 0.61 -29.19
C ARG A 394 -20.49 0.01 -28.00
N HIS A 395 -21.20 -0.15 -26.88
CA HIS A 395 -20.65 -0.81 -25.70
C HIS A 395 -20.19 -2.21 -26.02
N LEU A 396 -18.88 -2.45 -26.03
CA LEU A 396 -18.36 -3.80 -26.25
C LEU A 396 -18.35 -4.57 -24.95
N CYS A 397 -17.67 -4.04 -23.94
CA CYS A 397 -17.81 -4.57 -22.57
C CYS A 397 -17.49 -3.60 -21.43
N GLY A 398 -17.51 -4.11 -20.20
CA GLY A 398 -17.05 -3.37 -19.02
C GLY A 398 -15.58 -3.62 -18.71
N GLY A 399 -15.02 -2.79 -17.85
CA GLY A 399 -13.66 -3.02 -17.30
C GLY A 399 -13.48 -2.19 -16.03
N SER A 400 -12.27 -2.16 -15.48
CA SER A 400 -12.02 -1.49 -14.22
C SER A 400 -10.68 -0.80 -14.24
N ILE A 401 -10.68 0.49 -13.85
CA ILE A 401 -9.44 1.29 -13.70
C ILE A 401 -8.69 0.73 -12.52
N ILE A 402 -7.43 0.36 -12.72
CA ILE A 402 -6.64 -0.18 -11.63
C ILE A 402 -5.31 0.55 -11.55
N GLY A 403 -5.09 1.46 -12.47
CA GLY A 403 -3.79 2.10 -12.58
C GLY A 403 -4.05 3.40 -13.27
N ASN A 404 -3.05 4.26 -13.30
CA ASN A 404 -3.21 5.55 -13.96
C ASN A 404 -3.43 5.38 -15.45
N GLN A 405 -2.73 4.39 -16.01
CA GLN A 405 -2.85 4.00 -17.41
C GLN A 405 -3.43 2.60 -17.67
N TRP A 406 -4.24 2.08 -16.76
CA TRP A 406 -4.64 0.65 -16.87
C TRP A 406 -6.07 0.27 -16.66
N ILE A 407 -6.54 -0.62 -17.53
CA ILE A 407 -7.84 -1.23 -17.37
C ILE A 407 -7.65 -2.75 -17.27
N LEU A 408 -8.46 -3.36 -16.41
CA LEU A 408 -8.44 -4.79 -16.24
C LEU A 408 -9.78 -5.27 -16.71
N THR A 409 -9.76 -6.31 -17.53
CA THR A 409 -10.95 -6.77 -18.21
C THR A 409 -10.79 -8.24 -18.64
N ALA A 410 -11.84 -8.77 -19.28
CA ALA A 410 -11.86 -10.15 -19.77
C ALA A 410 -11.22 -10.30 -21.14
N ALA A 411 -10.34 -11.29 -21.29
CA ALA A 411 -9.71 -11.60 -22.58
C ALA A 411 -10.74 -11.88 -23.67
N HIS A 412 -11.63 -12.80 -23.36
CA HIS A 412 -12.70 -13.12 -24.26
C HIS A 412 -13.40 -11.92 -24.85
N CYS A 413 -13.15 -10.73 -24.31
CA CYS A 413 -13.80 -9.51 -24.79
C CYS A 413 -13.33 -9.09 -26.16
N PHE A 414 -12.22 -9.66 -26.62
CA PHE A 414 -11.48 -9.17 -27.81
C PHE A 414 -11.34 -10.22 -28.89
N TYR A 415 -12.25 -11.18 -28.82
CA TYR A 415 -12.51 -12.10 -29.87
C TYR A 415 -12.74 -11.27 -31.12
N GLY A 416 -11.88 -11.47 -32.12
CA GLY A 416 -11.96 -10.74 -33.37
C GLY A 416 -12.00 -9.25 -33.16
N VAL A 417 -10.91 -8.72 -32.64
CA VAL A 417 -10.66 -7.28 -32.67
C VAL A 417 -9.26 -7.30 -33.20
N GLU A 418 -9.03 -6.68 -34.34
CA GLU A 418 -7.72 -6.83 -34.97
C GLU A 418 -6.73 -5.85 -34.36
N SER A 419 -7.26 -4.82 -33.71
CA SER A 419 -6.47 -3.63 -33.45
C SER A 419 -6.94 -2.79 -32.26
N PRO A 420 -5.97 -2.38 -31.42
CA PRO A 420 -6.26 -1.52 -30.29
C PRO A 420 -7.03 -0.33 -30.78
N LYS A 421 -6.68 0.17 -31.97
CA LYS A 421 -7.23 1.41 -32.50
C LYS A 421 -8.73 1.45 -32.71
N ILE A 422 -9.44 0.34 -32.59
CA ILE A 422 -10.91 0.43 -32.72
C ILE A 422 -11.61 0.62 -31.38
N LEU A 423 -10.81 0.77 -30.32
CA LEU A 423 -11.34 0.79 -28.94
C LEU A 423 -11.44 2.17 -28.29
N ARG A 424 -12.53 2.37 -27.56
CA ARG A 424 -12.73 3.60 -26.77
C ARG A 424 -13.07 3.29 -25.30
N VAL A 425 -12.26 3.79 -24.38
CA VAL A 425 -12.57 3.71 -22.94
C VAL A 425 -13.15 5.04 -22.41
N TYR A 426 -14.41 4.98 -21.97
CA TYR A 426 -15.11 6.10 -21.35
C TYR A 426 -15.26 5.86 -19.85
N SER A 427 -14.82 6.81 -19.05
CA SER A 427 -14.97 6.75 -17.58
C SER A 427 -16.09 7.69 -17.14
N GLY A 428 -16.39 7.70 -15.84
CA GLY A 428 -17.42 8.61 -15.31
C GLY A 428 -18.84 8.40 -15.83
N ILE A 429 -19.10 7.26 -16.45
CA ILE A 429 -20.37 7.11 -17.15
C ILE A 429 -21.45 6.44 -16.32
N LEU A 430 -22.68 6.86 -16.55
CA LEU A 430 -23.84 6.35 -15.82
C LEU A 430 -24.92 5.90 -16.81
N ASN A 431 -25.66 6.87 -17.38
CA ASN A 431 -26.46 6.73 -18.60
C ASN A 431 -25.49 6.30 -19.72
N GLN A 432 -25.91 5.39 -20.59
CA GLN A 432 -25.14 5.12 -21.80
C GLN A 432 -25.45 6.19 -22.86
N SER A 433 -26.70 6.62 -22.85
CA SER A 433 -27.19 7.69 -23.72
C SER A 433 -26.53 9.04 -23.47
N GLU A 434 -25.62 9.10 -22.50
CA GLU A 434 -24.92 10.34 -22.17
C GLU A 434 -23.64 10.48 -22.99
N ILE A 435 -23.21 9.38 -23.61
CA ILE A 435 -22.00 9.41 -24.43
C ILE A 435 -22.33 9.92 -25.82
N LYS A 436 -21.68 11.01 -26.20
CA LYS A 436 -21.83 11.59 -27.54
C LYS A 436 -20.46 11.73 -28.23
N GLU A 437 -20.49 11.99 -29.54
CA GLU A 437 -19.27 12.16 -30.35
C GLU A 437 -18.33 13.23 -29.79
N ASP A 438 -18.89 14.20 -29.07
CA ASP A 438 -18.10 15.19 -28.37
C ASP A 438 -17.56 14.67 -27.05
N THR A 439 -18.21 13.65 -26.47
CA THR A 439 -17.76 13.05 -25.21
C THR A 439 -16.25 12.74 -25.25
N SER A 440 -15.55 13.03 -24.17
CA SER A 440 -14.12 12.71 -24.05
C SER A 440 -13.93 11.22 -23.69
N PHE A 441 -12.81 10.62 -24.13
CA PHE A 441 -12.56 9.16 -24.00
C PHE A 441 -11.10 8.85 -24.10
N PHE A 442 -10.67 7.73 -23.53
CA PHE A 442 -9.27 7.34 -23.61
C PHE A 442 -9.05 6.32 -24.73
N GLY A 443 -7.95 6.48 -25.47
CA GLY A 443 -7.56 5.53 -26.47
C GLY A 443 -6.69 4.46 -25.86
N VAL A 444 -6.79 3.24 -26.39
CA VAL A 444 -6.01 2.10 -25.93
C VAL A 444 -4.76 1.96 -26.78
N GLN A 445 -3.60 1.96 -26.13
CA GLN A 445 -2.35 1.86 -26.85
C GLN A 445 -2.05 0.42 -27.11
N GLU A 446 -2.60 -0.45 -26.29
CA GLU A 446 -2.16 -1.85 -26.34
C GLU A 446 -3.03 -2.78 -25.54
N ILE A 447 -3.02 -4.05 -25.95
CA ILE A 447 -3.86 -5.08 -25.37
C ILE A 447 -2.94 -6.20 -25.01
N ILE A 448 -2.95 -6.53 -23.73
CA ILE A 448 -2.18 -7.66 -23.26
C ILE A 448 -3.14 -8.75 -22.83
N ILE A 449 -3.04 -9.90 -23.47
CA ILE A 449 -3.95 -11.00 -23.19
C ILE A 449 -3.16 -12.14 -22.61
N HIS A 450 -3.68 -12.72 -21.53
CA HIS A 450 -2.90 -13.77 -20.93
C HIS A 450 -2.49 -14.68 -22.04
N ASP A 451 -1.20 -14.94 -22.16
CA ASP A 451 -0.80 -15.80 -23.26
C ASP A 451 -1.46 -17.22 -23.22
N GLN A 452 -1.60 -17.82 -22.04
CA GLN A 452 -2.22 -19.15 -21.97
C GLN A 452 -3.73 -19.14 -22.14
N TYR A 453 -4.29 -18.02 -22.60
CA TYR A 453 -5.73 -17.92 -22.77
C TYR A 453 -6.16 -18.62 -24.07
N LYS A 454 -7.32 -19.31 -24.02
CA LYS A 454 -7.93 -19.93 -25.21
C LYS A 454 -9.46 -19.82 -25.25
N MET A 455 -10.13 -20.60 -24.42
CA MET A 455 -11.59 -20.49 -24.34
C MET A 455 -11.88 -19.88 -22.98
N ALA A 456 -12.91 -19.04 -22.90
CA ALA A 456 -13.33 -18.43 -21.64
C ALA A 456 -13.58 -19.47 -20.55
N GLU A 457 -14.29 -20.54 -20.93
CA GLU A 457 -14.57 -21.68 -20.05
C GLU A 457 -13.28 -22.39 -19.66
N SER A 458 -12.25 -22.31 -20.49
CA SER A 458 -11.00 -22.96 -20.14
C SER A 458 -10.28 -22.20 -19.05
N GLY A 459 -10.66 -20.93 -18.82
CA GLY A 459 -9.90 -20.12 -17.88
C GLY A 459 -8.79 -19.28 -18.49
N TYR A 460 -7.88 -18.74 -17.67
CA TYR A 460 -6.93 -17.66 -18.05
C TYR A 460 -7.55 -16.40 -18.70
N ASP A 461 -8.84 -16.19 -18.48
CA ASP A 461 -9.60 -15.18 -19.19
C ASP A 461 -9.32 -13.83 -18.58
N ILE A 462 -8.21 -13.21 -18.97
CA ILE A 462 -7.83 -11.90 -18.42
C ILE A 462 -7.09 -10.95 -19.39
N ALA A 463 -7.57 -9.72 -19.48
CA ALA A 463 -6.87 -8.75 -20.27
C ALA A 463 -6.57 -7.43 -19.53
N LEU A 464 -5.34 -6.95 -19.74
CA LEU A 464 -4.97 -5.56 -19.49
C LEU A 464 -5.04 -4.66 -20.76
N LEU A 465 -5.69 -3.49 -20.66
CA LEU A 465 -5.55 -2.43 -21.65
C LEU A 465 -4.65 -1.36 -21.09
N LYS A 466 -3.53 -1.07 -21.78
CA LYS A 466 -2.75 0.14 -21.49
C LYS A 466 -3.40 1.34 -22.19
N LEU A 467 -3.79 2.35 -21.42
CA LEU A 467 -4.43 3.49 -22.02
C LEU A 467 -3.39 4.40 -22.65
N GLU A 468 -3.82 5.24 -23.58
CA GLU A 468 -2.89 6.10 -24.30
C GLU A 468 -2.53 7.31 -23.48
N THR A 469 -3.54 7.93 -22.87
CA THR A 469 -3.31 9.04 -21.95
C THR A 469 -3.69 8.64 -20.53
N THR A 470 -2.86 9.02 -19.54
CA THR A 470 -3.11 8.65 -18.13
C THR A 470 -4.45 9.24 -17.60
N VAL A 471 -4.97 8.67 -16.51
CA VAL A 471 -6.21 9.20 -15.94
C VAL A 471 -5.92 10.10 -14.75
N ASN A 472 -6.54 11.26 -14.79
CA ASN A 472 -6.42 12.19 -13.71
C ASN A 472 -7.56 11.84 -12.77
N TYR A 473 -7.22 11.36 -11.57
CA TYR A 473 -8.24 10.88 -10.63
C TYR A 473 -9.19 11.94 -10.10
N THR A 474 -10.40 11.50 -9.78
CA THR A 474 -11.46 12.40 -9.34
C THR A 474 -12.53 11.59 -8.67
N ASP A 475 -13.49 12.28 -8.06
CA ASP A 475 -14.67 11.65 -7.49
C ASP A 475 -15.43 10.81 -8.50
N SER A 476 -15.12 10.99 -9.77
CA SER A 476 -15.76 10.19 -10.78
C SER A 476 -14.89 9.07 -11.37
N GLN A 477 -13.58 9.21 -11.26
CA GLN A 477 -12.67 8.23 -11.83
C GLN A 477 -11.55 7.89 -10.86
N ARG A 478 -11.57 6.68 -10.31
CA ARG A 478 -10.64 6.29 -9.25
C ARG A 478 -10.31 4.81 -9.37
N PRO A 479 -9.06 4.41 -9.13
CA PRO A 479 -8.77 2.97 -9.20
C PRO A 479 -9.47 2.16 -8.12
N ILE A 480 -9.43 0.85 -8.26
CA ILE A 480 -9.95 -0.10 -7.30
C ILE A 480 -8.76 -0.99 -6.97
N CYS A 481 -8.69 -1.55 -5.76
CA CYS A 481 -7.48 -2.26 -5.38
C CYS A 481 -7.56 -3.68 -5.80
N LEU A 482 -6.39 -4.20 -6.16
CA LEU A 482 -6.26 -5.61 -6.38
C LEU A 482 -6.28 -6.29 -5.00
N PRO A 483 -6.89 -7.49 -4.92
CA PRO A 483 -6.76 -8.24 -3.68
C PRO A 483 -5.28 -8.44 -3.36
N SER A 484 -4.96 -8.69 -2.10
CA SER A 484 -3.60 -8.97 -1.74
C SER A 484 -3.41 -10.45 -1.75
N LYS A 485 -2.29 -10.91 -2.30
CA LYS A 485 -1.98 -12.33 -2.23
C LYS A 485 -2.11 -12.87 -0.78
N GLY A 486 -1.74 -12.04 0.19
CA GLY A 486 -1.91 -12.39 1.61
C GLY A 486 -3.34 -12.32 2.16
N ASP A 487 -4.32 -12.03 1.30
CA ASP A 487 -5.73 -12.06 1.67
C ASP A 487 -6.39 -13.32 1.16
N ARG A 488 -5.59 -14.28 0.68
CA ARG A 488 -6.15 -15.45 -0.02
C ARG A 488 -7.34 -16.02 0.75
N ASN A 489 -7.18 -16.25 2.05
CA ASN A 489 -8.15 -16.94 2.90
C ASN A 489 -9.25 -16.04 3.47
N VAL A 490 -9.38 -14.84 2.93
CA VAL A 490 -10.35 -13.89 3.43
C VAL A 490 -11.71 -14.29 2.95
N ILE A 491 -12.71 -13.91 3.70
CA ILE A 491 -14.06 -14.26 3.34
C ILE A 491 -14.80 -12.98 2.99
N TYR A 492 -14.90 -12.66 1.70
CA TYR A 492 -15.66 -11.46 1.31
C TYR A 492 -17.16 -11.70 1.46
N THR A 493 -17.88 -10.70 1.93
CA THR A 493 -19.29 -10.83 2.25
C THR A 493 -20.01 -9.51 1.98
N ASP A 494 -19.37 -8.60 1.26
CA ASP A 494 -20.06 -7.44 0.72
C ASP A 494 -19.61 -7.31 -0.73
N CYS A 495 -20.19 -8.14 -1.59
CA CYS A 495 -19.85 -8.18 -3.02
C CYS A 495 -20.91 -7.62 -4.01
N TRP A 496 -20.43 -6.93 -5.02
CA TRP A 496 -21.30 -6.24 -5.94
C TRP A 496 -20.81 -6.35 -7.38
N VAL A 497 -21.74 -6.67 -8.28
CA VAL A 497 -21.53 -6.61 -9.74
C VAL A 497 -22.19 -5.38 -10.33
N THR A 498 -21.46 -4.75 -11.24
CA THR A 498 -21.87 -3.51 -11.86
C THR A 498 -21.78 -3.72 -13.33
N GLY A 499 -22.63 -3.01 -14.06
CA GLY A 499 -22.56 -3.02 -15.51
C GLY A 499 -23.82 -2.58 -16.22
N TRP A 500 -23.88 -2.90 -17.51
CA TRP A 500 -25.04 -2.62 -18.34
C TRP A 500 -25.61 -3.88 -18.98
N GLY A 501 -25.41 -5.03 -18.36
CA GLY A 501 -26.01 -6.28 -18.81
C GLY A 501 -25.47 -6.99 -20.07
N TYR A 502 -24.39 -6.49 -20.66
CA TYR A 502 -23.86 -7.11 -21.89
C TYR A 502 -22.90 -8.29 -21.61
N ASP A 507 -27.41 -11.16 -24.56
CA ASP A 507 -26.91 -9.80 -24.63
C ASP A 507 -27.87 -8.78 -25.28
N LYS A 508 -28.21 -7.75 -24.50
CA LYS A 508 -28.96 -6.56 -24.95
C LYS A 508 -28.77 -5.44 -23.93
N ILE A 509 -28.00 -4.40 -24.27
CA ILE A 509 -27.58 -3.32 -23.31
C ILE A 509 -28.69 -2.64 -22.52
N GLN A 510 -28.32 -2.00 -21.41
CA GLN A 510 -29.24 -1.18 -20.60
C GLN A 510 -28.63 0.19 -20.40
N ASN A 511 -29.48 1.19 -20.27
CA ASN A 511 -29.01 2.56 -20.38
C ASN A 511 -28.16 3.04 -19.21
N THR A 512 -28.79 3.16 -18.04
CA THR A 512 -28.04 3.50 -16.83
C THR A 512 -27.31 2.27 -16.24
N LEU A 513 -26.24 2.55 -15.50
CA LEU A 513 -25.44 1.53 -14.84
C LEU A 513 -26.27 0.67 -13.86
N GLN A 514 -26.06 -0.64 -13.89
CA GLN A 514 -26.77 -1.50 -12.94
C GLN A 514 -25.88 -1.78 -11.73
N LYS A 515 -26.50 -1.87 -10.55
CA LYS A 515 -25.80 -2.35 -9.36
C LYS A 515 -26.57 -3.51 -8.73
N ALA A 516 -25.88 -4.62 -8.50
CA ALA A 516 -26.49 -5.71 -7.80
C ALA A 516 -25.51 -6.35 -6.79
N LYS A 517 -25.84 -6.24 -5.50
CA LYS A 517 -25.15 -7.02 -4.48
C LYS A 517 -25.41 -8.52 -4.67
N ILE A 518 -24.37 -9.34 -4.74
CA ILE A 518 -24.54 -10.80 -4.75
C ILE A 518 -23.58 -11.53 -3.84
N PRO A 519 -23.78 -12.85 -3.68
CA PRO A 519 -22.95 -13.65 -2.79
C PRO A 519 -21.99 -14.58 -3.52
N LEU A 520 -20.73 -14.60 -3.11
CA LEU A 520 -19.82 -15.61 -3.62
C LEU A 520 -20.38 -16.97 -3.29
N VAL A 521 -20.07 -17.96 -4.12
CA VAL A 521 -20.37 -19.34 -3.78
C VAL A 521 -19.11 -20.13 -4.05
N THR A 522 -18.85 -21.09 -3.19
CA THR A 522 -17.59 -21.82 -3.17
C THR A 522 -17.40 -22.56 -4.46
N ASN A 523 -16.13 -22.85 -4.76
CA ASN A 523 -15.79 -23.57 -5.98
C ASN A 523 -16.46 -24.92 -6.04
N GLU A 524 -16.33 -25.70 -4.96
CA GLU A 524 -17.03 -26.96 -4.84
C GLU A 524 -18.50 -26.82 -5.23
N GLU A 525 -19.23 -25.91 -4.57
CA GLU A 525 -20.64 -25.64 -4.87
C GLU A 525 -20.86 -25.30 -6.36
N CYS A 526 -19.90 -24.61 -6.95
CA CYS A 526 -19.94 -24.27 -8.36
C CYS A 526 -19.70 -25.52 -9.21
N GLN A 527 -18.59 -26.20 -8.93
CA GLN A 527 -18.17 -27.42 -9.63
C GLN A 527 -19.35 -28.38 -9.77
N LYS A 528 -20.06 -28.59 -8.67
CA LYS A 528 -21.31 -29.36 -8.65
C LYS A 528 -22.43 -28.89 -9.60
N ARG A 529 -22.49 -27.59 -9.89
CA ARG A 529 -23.49 -27.10 -10.82
C ARG A 529 -23.07 -27.07 -12.28
N TYR A 530 -21.79 -26.86 -12.52
CA TYR A 530 -21.25 -26.83 -13.88
C TYR A 530 -20.66 -28.18 -14.21
N ARG A 531 -21.55 -29.03 -14.72
CA ARG A 531 -21.32 -30.45 -14.93
C ARG A 531 -20.05 -30.72 -15.73
N GLY A 532 -20.02 -30.28 -16.99
CA GLY A 532 -18.95 -30.62 -17.91
C GLY A 532 -17.57 -30.13 -17.51
N HIS A 533 -17.38 -28.82 -17.65
CA HIS A 533 -16.06 -28.16 -17.60
C HIS A 533 -15.54 -28.06 -16.21
N LYS A 534 -14.22 -28.14 -16.07
CA LYS A 534 -13.61 -27.98 -14.74
C LYS A 534 -13.65 -26.52 -14.31
N ILE A 535 -13.44 -26.32 -13.01
CA ILE A 535 -13.44 -25.00 -12.43
C ILE A 535 -12.19 -24.90 -11.59
N THR A 536 -11.18 -24.20 -12.10
CA THR A 536 -9.88 -24.15 -11.44
C THR A 536 -9.90 -23.23 -10.22
N HIS A 537 -8.90 -23.39 -9.35
CA HIS A 537 -8.67 -22.42 -8.28
C HIS A 537 -8.57 -21.03 -8.82
N LYS A 538 -8.27 -20.90 -10.11
CA LYS A 538 -8.13 -19.60 -10.73
C LYS A 538 -9.46 -19.02 -11.21
N MET A 539 -10.55 -19.53 -10.67
CA MET A 539 -11.85 -18.93 -10.94
C MET A 539 -12.55 -18.73 -9.63
N ILE A 540 -13.79 -18.23 -9.68
CA ILE A 540 -14.54 -17.92 -8.48
C ILE A 540 -15.92 -17.56 -9.00
N CYS A 541 -16.95 -17.89 -8.24
CA CYS A 541 -18.32 -17.83 -8.71
C CYS A 541 -19.15 -16.97 -7.78
N ALA A 542 -20.39 -16.72 -8.18
CA ALA A 542 -21.32 -15.96 -7.35
C ALA A 542 -22.73 -16.11 -7.93
N GLY A 543 -23.71 -15.38 -7.39
CA GLY A 543 -25.13 -15.54 -7.75
C GLY A 543 -26.05 -15.86 -6.57
N TYR A 544 -27.35 -15.60 -6.74
CA TYR A 544 -28.45 -15.71 -5.72
C TYR A 544 -28.71 -14.38 -5.00
N LYS A 553 -26.93 -9.06 -14.53
CA LYS A 553 -27.07 -7.63 -14.85
C LYS A 553 -25.75 -6.83 -14.83
N GLY A 554 -24.62 -7.54 -14.76
CA GLY A 554 -23.30 -6.98 -15.07
C GLY A 554 -22.85 -7.50 -16.44
N ASP A 555 -21.89 -6.84 -17.10
CA ASP A 555 -21.38 -7.33 -18.38
C ASP A 555 -20.00 -7.97 -18.32
N SER A 556 -19.57 -8.54 -19.45
CA SER A 556 -18.25 -9.17 -19.62
C SER A 556 -17.10 -8.24 -19.28
N GLY A 557 -16.09 -8.82 -18.64
CA GLY A 557 -14.92 -8.06 -18.20
C GLY A 557 -15.24 -7.12 -17.07
N GLY A 558 -16.47 -7.18 -16.59
CA GLY A 558 -16.96 -6.33 -15.53
C GLY A 558 -16.49 -6.77 -14.16
N PRO A 559 -16.49 -5.84 -13.21
CA PRO A 559 -15.92 -6.09 -11.92
C PRO A 559 -16.87 -6.87 -11.00
N LEU A 560 -16.30 -7.87 -10.34
CA LEU A 560 -16.88 -8.36 -9.11
C LEU A 560 -16.08 -7.67 -8.00
N SER A 561 -16.66 -6.57 -7.50
CA SER A 561 -16.00 -5.78 -6.46
C SER A 561 -16.53 -6.12 -5.05
N CYS A 562 -15.62 -6.46 -4.15
CA CYS A 562 -15.99 -6.71 -2.75
C CYS A 562 -15.45 -5.65 -1.77
N LYS A 563 -16.31 -5.20 -0.85
CA LYS A 563 -15.91 -4.20 0.16
C LYS A 563 -15.52 -4.91 1.41
N HIS A 564 -14.26 -4.79 1.81
CA HIS A 564 -13.81 -5.34 3.07
C HIS A 564 -13.09 -4.28 3.80
N ASN A 565 -13.44 -4.14 5.08
CA ASN A 565 -12.78 -3.18 5.98
C ASN A 565 -12.67 -1.82 5.39
N GLU A 566 -13.76 -1.34 4.79
CA GLU A 566 -13.81 0.01 4.20
C GLU A 566 -13.11 0.26 2.85
N VAL A 567 -12.40 -0.75 2.34
CA VAL A 567 -11.68 -0.64 1.04
C VAL A 567 -12.36 -1.56 0.00
N TRP A 568 -12.50 -1.08 -1.24
CA TRP A 568 -12.97 -1.94 -2.36
C TRP A 568 -11.87 -2.74 -3.01
N HIS A 569 -12.14 -4.01 -3.26
CA HIS A 569 -11.17 -4.89 -3.94
C HIS A 569 -11.78 -5.47 -5.18
N LEU A 570 -10.98 -5.59 -6.25
CA LEU A 570 -11.47 -6.20 -7.50
C LEU A 570 -11.25 -7.69 -7.36
N VAL A 571 -12.28 -8.44 -6.98
CA VAL A 571 -12.08 -9.83 -6.66
C VAL A 571 -12.21 -10.65 -7.92
N GLY A 572 -13.17 -10.31 -8.76
CA GLY A 572 -13.33 -11.07 -9.98
C GLY A 572 -13.63 -10.23 -11.19
N ILE A 573 -13.12 -10.68 -12.34
CA ILE A 573 -13.60 -10.25 -13.65
C ILE A 573 -14.68 -11.23 -14.15
N THR A 574 -15.79 -10.72 -14.64
CA THR A 574 -16.83 -11.64 -15.05
C THR A 574 -16.43 -12.30 -16.36
N SER A 575 -16.52 -13.64 -16.42
CA SER A 575 -16.14 -14.35 -17.64
C SER A 575 -17.25 -15.17 -18.28
N TRP A 576 -17.74 -16.22 -17.62
CA TRP A 576 -18.88 -16.93 -18.20
C TRP A 576 -20.01 -17.28 -17.30
N GLY A 577 -21.09 -16.52 -17.41
CA GLY A 577 -22.27 -16.72 -16.58
C GLY A 577 -23.50 -17.19 -17.32
N GLU A 578 -24.23 -18.11 -16.69
CA GLU A 578 -25.56 -18.48 -17.17
C GLU A 578 -26.64 -17.82 -16.29
N GLY A 579 -26.17 -17.04 -15.29
CA GLY A 579 -27.00 -16.47 -14.22
C GLY A 579 -27.81 -15.22 -14.50
N CYS A 580 -28.17 -14.50 -13.43
CA CYS A 580 -29.12 -13.39 -13.49
C CYS A 580 -28.60 -12.17 -14.28
N GLU A 584 -32.11 -20.55 -11.46
CA GLU A 584 -30.90 -19.73 -11.38
C GLU A 584 -29.62 -20.60 -11.33
N ARG A 585 -28.52 -20.06 -11.83
CA ARG A 585 -27.23 -20.74 -11.88
C ARG A 585 -26.12 -19.73 -11.59
N PRO A 586 -24.96 -20.19 -11.03
CA PRO A 586 -23.95 -19.18 -10.68
C PRO A 586 -23.11 -18.69 -11.86
N GLY A 587 -22.69 -17.43 -11.79
CA GLY A 587 -21.71 -16.88 -12.72
C GLY A 587 -20.31 -17.36 -12.40
N VAL A 588 -19.46 -17.41 -13.41
CA VAL A 588 -18.04 -17.75 -13.21
C VAL A 588 -17.17 -16.54 -13.51
N TYR A 589 -16.04 -16.45 -12.83
CA TYR A 589 -15.23 -15.25 -12.92
C TYR A 589 -13.77 -15.57 -12.86
N THR A 590 -12.97 -14.69 -13.45
CA THR A 590 -11.54 -14.80 -13.24
C THR A 590 -11.23 -14.41 -11.80
N ASN A 591 -10.43 -15.24 -11.17
CA ASN A 591 -10.09 -15.03 -9.78
C ASN A 591 -8.84 -14.18 -9.66
N VAL A 592 -9.07 -12.86 -9.69
CA VAL A 592 -8.03 -11.89 -9.79
C VAL A 592 -6.82 -12.15 -8.89
N VAL A 593 -7.06 -12.50 -7.63
CA VAL A 593 -5.97 -12.79 -6.69
C VAL A 593 -4.94 -13.69 -7.32
N GLU A 594 -5.38 -14.73 -8.03
CA GLU A 594 -4.45 -15.70 -8.63
C GLU A 594 -3.56 -15.13 -9.75
N TYR A 595 -3.93 -13.96 -10.28
CA TYR A 595 -3.20 -13.32 -11.37
C TYR A 595 -2.56 -12.01 -10.90
N VAL A 596 -2.26 -11.90 -9.60
CA VAL A 596 -1.62 -10.66 -9.10
C VAL A 596 -0.16 -10.60 -9.60
N ASP A 597 0.55 -11.70 -9.45
CA ASP A 597 1.93 -11.76 -9.93
C ASP A 597 1.96 -11.26 -11.38
N TRP A 598 1.11 -11.87 -12.18
CA TRP A 598 1.04 -11.58 -13.59
C TRP A 598 0.75 -10.12 -13.87
N ILE A 599 -0.32 -9.59 -13.30
CA ILE A 599 -0.66 -8.20 -13.55
C ILE A 599 0.53 -7.31 -13.23
N LEU A 600 1.19 -7.57 -12.09
CA LEU A 600 2.30 -6.72 -11.63
C LEU A 600 3.49 -6.75 -12.58
N GLU A 601 3.97 -7.97 -12.88
CA GLU A 601 4.94 -8.19 -13.97
C GLU A 601 4.62 -7.34 -15.22
N LYS A 602 3.39 -7.49 -15.72
CA LYS A 602 2.97 -6.79 -16.93
C LYS A 602 2.86 -5.28 -16.81
N THR A 603 3.01 -4.72 -15.61
CA THR A 603 2.61 -3.31 -15.45
C THR A 603 3.52 -2.44 -14.63
N GLN A 604 4.42 -3.03 -13.84
CA GLN A 604 5.22 -2.30 -12.85
C GLN A 604 4.33 -1.59 -11.82
N HIS B 1 18.76 -20.00 16.00
CA HIS B 1 20.18 -19.90 15.55
C HIS B 1 20.48 -18.53 14.97
N ILE B 2 21.66 -18.01 15.28
CA ILE B 2 22.22 -16.87 14.58
C ILE B 2 23.39 -17.41 13.75
N TYR B 3 23.45 -17.06 12.46
CA TYR B 3 24.53 -17.52 11.60
C TYR B 3 25.65 -16.51 11.44
N PRO B 4 26.88 -17.00 11.24
CA PRO B 4 27.93 -16.00 11.03
C PRO B 4 27.85 -15.38 9.61
N ASP B 5 28.64 -14.34 9.36
CA ASP B 5 28.63 -13.70 8.06
C ASP B 5 29.18 -14.55 6.95
N PHE B 6 29.28 -13.94 5.78
CA PHE B 6 30.00 -14.53 4.69
C PHE B 6 31.48 -14.17 4.83
N PRO B 7 32.38 -15.13 4.53
CA PRO B 7 33.84 -14.99 4.52
C PRO B 7 34.38 -13.84 3.69
N THR B 8 35.36 -13.16 4.26
CA THR B 8 36.17 -12.14 3.58
C THR B 8 37.29 -12.77 2.74
N ASP B 9 37.63 -14.03 3.05
CA ASP B 9 38.74 -14.80 2.44
C ASP B 9 40.13 -14.16 2.63
C1 NAG C . 15.48 -21.42 6.59
C2 NAG C . 14.94 -22.21 7.80
C3 NAG C . 14.62 -23.63 7.38
C4 NAG C . 13.61 -23.63 6.24
C5 NAG C . 14.17 -22.75 5.11
C6 NAG C . 13.24 -22.55 3.90
C7 NAG C . 15.55 -22.51 10.16
C8 NAG C . 14.13 -22.42 10.64
N2 NAG C . 15.93 -22.38 8.84
O3 NAG C . 14.18 -24.32 8.54
O4 NAG C . 13.38 -25.00 5.89
O5 NAG C . 14.44 -21.45 5.62
O6 NAG C . 11.90 -22.41 4.31
O7 NAG C . 16.41 -22.69 11.03
C1 NAG C . 12.15 -25.35 5.15
C2 NAG C . 11.54 -26.65 5.67
C3 NAG C . 12.76 -27.54 5.95
C4 NAG C . 13.51 -27.74 4.60
C5 NAG C . 13.57 -26.49 3.70
C6 NAG C . 13.82 -26.83 2.23
C7 NAG C . 10.52 -25.26 7.68
C8 NAG C . 9.13 -24.74 8.00
N2 NAG C . 10.63 -26.31 6.71
O3 NAG C . 12.34 -28.75 6.54
O4 NAG C . 14.86 -28.12 4.82
O5 NAG C . 12.41 -25.67 3.81
O6 NAG C . 13.94 -25.62 1.51
O7 NAG C . 11.50 -24.58 8.00
C1 FUC C . 11.44 -21.05 4.15
C2 FUC C . 9.99 -20.94 4.65
C3 FUC C . 10.10 -20.58 6.13
C4 FUC C . 10.59 -19.14 6.24
C5 FUC C . 11.76 -18.91 5.28
C6 FUC C . 11.32 -18.11 4.04
O2 FUC C . 9.21 -22.10 4.46
O3 FUC C . 8.87 -20.79 6.77
O4 FUC C . 9.55 -18.26 5.89
O5 FUC C . 12.31 -20.16 4.86
C1 NAG D . 31.13 24.16 -6.23
C2 NAG D . 31.96 24.12 -7.52
C3 NAG D . 31.15 24.69 -8.71
C4 NAG D . 30.16 25.79 -8.26
C5 NAG D . 30.67 26.41 -6.95
C6 NAG D . 29.88 27.63 -6.46
C7 NAG D . 34.38 24.73 -8.10
C8 NAG D . 35.53 25.57 -7.61
N2 NAG D . 33.25 24.80 -7.34
O3 NAG D . 30.48 23.65 -9.38
O4 NAG D . 30.00 26.74 -9.30
O5 NAG D . 30.73 25.47 -5.88
O6 NAG D . 30.64 28.23 -5.43
O7 NAG D . 34.53 24.07 -9.13
C1 NAG E . -30.52 8.07 -17.52
C2 NAG E . -30.85 9.39 -16.80
C3 NAG E . -32.37 9.50 -16.63
C4 NAG E . -32.91 9.85 -18.02
C5 NAG E . -32.45 8.77 -19.05
C6 NAG E . -31.93 9.42 -20.34
C7 NAG E . -29.18 10.62 -15.39
C8 NAG E . -28.56 10.69 -14.03
N2 NAG E . -30.11 9.65 -15.55
O3 NAG E . -32.73 10.48 -15.70
O4 NAG E . -34.31 10.03 -18.00
O5 NAG E . -31.53 7.78 -18.50
O6 NAG E . -32.91 9.39 -21.37
O7 NAG E . -28.80 11.39 -16.27
C1 NAG F . -5.78 16.80 -12.31
C2 NAG F . -5.52 17.84 -13.41
C3 NAG F . -5.92 19.23 -12.90
C4 NAG F . -7.45 19.21 -12.63
C5 NAG F . -7.83 18.07 -11.67
C6 NAG F . -8.92 17.17 -12.27
C7 NAG F . -2.93 17.91 -13.72
C8 NAG F . -1.88 17.48 -14.71
N2 NAG F . -4.21 17.61 -14.07
O3 NAG F . -5.63 20.23 -13.83
O4 NAG F . -7.95 20.43 -12.14
O5 NAG F . -6.67 17.33 -11.29
O6 NAG F . -10.16 17.82 -12.28
O7 NAG F . -2.61 18.50 -12.70
#